data_4EA0
#
_entry.id   4EA0
#
_cell.length_a   80.324
_cell.length_b   80.324
_cell.length_c   180.822
_cell.angle_alpha   90.00
_cell.angle_beta   90.00
_cell.angle_gamma   120.00
#
_symmetry.space_group_name_H-M   'P 31 2 1'
#
loop_
_entity.id
_entity.type
_entity.pdbx_description
1 polymer 'Dehydrosqualene synthase'
2 non-polymer 'MAGNESIUM ION'
3 non-polymer 'PYROPHOSPHATE 2-'
4 non-polymer 'L(+)-TARTARIC ACID'
5 non-polymer (3R)-3-biphenyl-4-yl-1-azabicyclo[2.2.2]octan-3-ol
6 water water
#
_entity_poly.entity_id   1
_entity_poly.type   'polypeptide(L)'
_entity_poly.pdbx_seq_one_letter_code
;MTMMDMNFKYCHKIMKKHSKSFSYAFDLLPEDQRKAVWAIYAVCRKIDDSIDVYGDIQFLNQIKEDIQSIEKYPYEYHHF
QSDRRIMMALQHVAQHKNIAFQSFYNLIDTVYKDQHFTMFETDAELFGYCYGVAGTVGEVLTPILSDHETHQTYDVARRL
GESLQLINILRDVGEDFENERIYFSKQRLKQYEVDIAEVYQNGVNNHYIDLWEYYAAIAEKDFRDVMDQIKVFSIEAQPI
IELAARIYIEILDEVRQANYTLHERVFVEKRKKAKLFHEINSKYHRI
;
_entity_poly.pdbx_strand_id   A,B
#
loop_
_chem_comp.id
_chem_comp.type
_chem_comp.name
_chem_comp.formula
651 non-polymer (3R)-3-biphenyl-4-yl-1-azabicyclo[2.2.2]octan-3-ol 'C19 H21 N O'
MG non-polymer 'MAGNESIUM ION' 'Mg 2'
POP non-polymer 'PYROPHOSPHATE 2-' 'H2 O7 P2 -2'
TLA non-polymer 'L(+)-TARTARIC ACID' 'C4 H6 O6'
#
# COMPACT_ATOMS: atom_id res chain seq x y z
N MET A 1 10.97 16.91 -20.89
CA MET A 1 11.25 15.53 -20.37
C MET A 1 11.67 14.57 -21.49
N THR A 2 12.93 14.15 -21.45
CA THR A 2 13.38 13.05 -22.30
C THR A 2 12.79 11.71 -21.87
N MET A 3 13.04 10.68 -22.68
CA MET A 3 12.56 9.34 -22.39
C MET A 3 13.16 8.80 -21.09
N MET A 4 14.47 8.92 -20.95
CA MET A 4 15.15 8.51 -19.73
C MET A 4 14.58 9.27 -18.53
N ASP A 5 14.33 10.56 -18.70
CA ASP A 5 13.72 11.37 -17.65
C ASP A 5 12.44 10.73 -17.16
N MET A 6 11.58 10.30 -18.08
CA MET A 6 10.32 9.65 -17.70
C MET A 6 10.54 8.30 -16.99
N ASN A 7 11.62 7.62 -17.36
CA ASN A 7 11.92 6.33 -16.75
C ASN A 7 12.27 6.51 -15.27
N PHE A 8 12.98 7.61 -14.98
CA PHE A 8 13.36 7.90 -13.61
C PHE A 8 12.18 8.42 -12.81
N LYS A 9 11.33 9.21 -13.45
CA LYS A 9 10.13 9.70 -12.79
C LYS A 9 9.24 8.53 -12.34
N TYR A 10 9.18 7.49 -13.16
CA TYR A 10 8.41 6.31 -12.81
C TYR A 10 9.01 5.59 -11.59
N CYS A 11 10.33 5.46 -11.56
CA CYS A 11 11.03 4.94 -10.39
C CYS A 11 10.75 5.76 -9.15
N HIS A 12 10.87 7.08 -9.29
CA HIS A 12 10.55 8.01 -8.20
C HIS A 12 9.16 7.75 -7.66
N LYS A 13 8.22 7.49 -8.58
CA LYS A 13 6.83 7.18 -8.23
C LYS A 13 6.73 5.92 -7.35
N ILE A 14 7.41 4.86 -7.77
CA ILE A 14 7.40 3.63 -7.00
C ILE A 14 7.96 3.82 -5.60
N MET A 15 8.98 4.66 -5.46
CA MET A 15 9.60 4.89 -4.15
C MET A 15 8.72 5.71 -3.23
N LYS A 16 8.15 6.80 -3.76
CA LYS A 16 7.19 7.60 -3.01
C LYS A 16 6.05 6.73 -2.47
N LYS A 17 5.64 5.75 -3.26
CA LYS A 17 4.45 4.97 -2.95
C LYS A 17 4.72 3.96 -1.85
N HIS A 18 5.90 3.35 -1.89
CA HIS A 18 6.19 2.20 -1.04
C HIS A 18 7.04 2.52 0.19
N SER A 19 7.83 3.59 0.10
CA SER A 19 8.69 4.00 1.21
C SER A 19 8.68 5.50 1.36
N LYS A 20 7.58 6.04 1.91
CA LYS A 20 7.47 7.48 2.06
C LYS A 20 8.69 8.03 2.77
N SER A 21 9.21 7.28 3.73
CA SER A 21 10.27 7.77 4.60
C SER A 21 11.60 7.94 3.86
N PHE A 22 11.99 6.91 3.12
CA PHE A 22 13.21 6.99 2.31
C PHE A 22 13.05 8.08 1.25
N SER A 23 11.89 8.11 0.63
CA SER A 23 11.54 9.14 -0.33
C SER A 23 11.72 10.51 0.29
N TYR A 24 11.13 10.69 1.47
CA TYR A 24 11.17 11.99 2.11
C TYR A 24 12.61 12.46 2.23
N ALA A 25 13.48 11.54 2.63
CA ALA A 25 14.87 11.87 2.90
C ALA A 25 15.76 11.94 1.65
N PHE A 26 15.73 10.90 0.82
CA PHE A 26 16.68 10.81 -0.30
C PHE A 26 16.35 11.73 -1.47
N ASP A 27 15.12 12.23 -1.51
CA ASP A 27 14.72 13.20 -2.51
C ASP A 27 15.42 14.54 -2.31
N LEU A 28 16.11 14.69 -1.18
CA LEU A 28 16.86 15.91 -0.88
C LEU A 28 18.27 15.88 -1.44
N LEU A 29 18.68 14.74 -2.01
CA LEU A 29 20.01 14.63 -2.60
C LEU A 29 20.10 15.44 -3.89
N PRO A 30 21.32 15.72 -4.36
CA PRO A 30 21.46 16.29 -5.68
C PRO A 30 20.76 15.42 -6.74
N GLU A 31 20.36 16.07 -7.83
CA GLU A 31 19.54 15.44 -8.86
C GLU A 31 20.08 14.10 -9.36
N ASP A 32 21.36 14.06 -9.70
CA ASP A 32 21.97 12.86 -10.26
C ASP A 32 22.01 11.71 -9.25
N GLN A 33 22.10 12.06 -7.97
CA GLN A 33 22.21 11.06 -6.92
C GLN A 33 20.84 10.50 -6.60
N ARG A 34 19.85 11.39 -6.49
CA ARG A 34 18.54 10.92 -6.11
C ARG A 34 17.90 10.06 -7.19
N LYS A 35 18.29 10.30 -8.43
CA LYS A 35 17.75 9.54 -9.55
C LYS A 35 18.28 8.11 -9.50
N ALA A 36 19.59 7.99 -9.36
CA ALA A 36 20.23 6.71 -9.03
C ALA A 36 19.54 5.99 -7.87
N VAL A 37 19.39 6.66 -6.72
CA VAL A 37 18.60 6.09 -5.63
C VAL A 37 17.22 5.61 -6.09
N TRP A 38 16.48 6.45 -6.81
CA TRP A 38 15.15 6.07 -7.29
C TRP A 38 15.18 4.74 -8.04
N ALA A 39 16.16 4.61 -8.93
CA ALA A 39 16.22 3.48 -9.83
C ALA A 39 16.59 2.21 -9.05
N ILE A 40 17.61 2.34 -8.21
CA ILE A 40 18.08 1.21 -7.43
C ILE A 40 17.01 0.71 -6.49
N TYR A 41 16.38 1.64 -5.81
CA TYR A 41 15.23 1.32 -5.00
C TYR A 41 14.14 0.59 -5.79
N ALA A 42 13.81 1.12 -6.97
CA ALA A 42 12.65 0.58 -7.70
C ALA A 42 12.90 -0.86 -8.12
N VAL A 43 14.11 -1.13 -8.59
CA VAL A 43 14.52 -2.50 -8.86
C VAL A 43 14.32 -3.38 -7.62
N CYS A 44 14.78 -2.89 -6.47
CA CYS A 44 14.73 -3.69 -5.25
C CYS A 44 13.28 -3.92 -4.85
N ARG A 45 12.48 -2.87 -4.95
CA ARG A 45 11.06 -2.98 -4.65
C ARG A 45 10.38 -4.01 -5.56
N LYS A 46 10.74 -3.96 -6.84
CA LYS A 46 10.11 -4.84 -7.82
C LYS A 46 10.44 -6.28 -7.47
N ILE A 47 11.71 -6.51 -7.15
CA ILE A 47 12.14 -7.82 -6.69
C ILE A 47 11.34 -8.28 -5.49
N ASP A 48 11.24 -7.43 -4.48
CA ASP A 48 10.50 -7.78 -3.27
C ASP A 48 9.09 -8.16 -3.64
N ASP A 49 8.43 -7.30 -4.39
CA ASP A 49 6.98 -7.39 -4.52
C ASP A 49 6.62 -8.56 -5.43
N SER A 50 7.55 -9.00 -6.26
CA SER A 50 7.27 -10.14 -7.13
C SER A 50 6.94 -11.41 -6.32
N ILE A 51 7.59 -11.55 -5.15
CA ILE A 51 7.27 -12.61 -4.21
C ILE A 51 6.20 -12.18 -3.22
N ASP A 52 6.44 -11.08 -2.51
CA ASP A 52 5.62 -10.70 -1.35
C ASP A 52 4.20 -10.33 -1.75
N VAL A 53 4.04 -9.81 -2.96
CA VAL A 53 2.73 -9.35 -3.39
C VAL A 53 2.12 -10.31 -4.40
N TYR A 54 2.90 -10.68 -5.41
CA TYR A 54 2.41 -11.52 -6.48
C TYR A 54 2.72 -13.01 -6.25
N GLY A 55 3.61 -13.29 -5.29
CA GLY A 55 4.11 -14.64 -5.10
C GLY A 55 4.52 -15.30 -6.41
N ASP A 56 5.12 -14.52 -7.29
CA ASP A 56 5.35 -14.96 -8.66
C ASP A 56 6.83 -15.18 -8.95
N ILE A 57 7.27 -16.43 -8.79
CA ILE A 57 8.68 -16.75 -8.94
C ILE A 57 9.16 -16.51 -10.37
N GLN A 58 8.27 -16.72 -11.34
CA GLN A 58 8.63 -16.56 -12.74
C GLN A 58 8.92 -15.09 -13.04
N PHE A 59 8.08 -14.21 -12.52
CA PHE A 59 8.37 -12.78 -12.50
C PHE A 59 9.75 -12.49 -11.90
N LEU A 60 9.99 -12.98 -10.69
CA LEU A 60 11.29 -12.81 -10.06
C LEU A 60 12.45 -13.15 -10.99
N ASN A 61 12.32 -14.23 -11.75
CA ASN A 61 13.40 -14.67 -12.61
C ASN A 61 13.55 -13.80 -13.85
N GLN A 62 12.44 -13.22 -14.31
CA GLN A 62 12.52 -12.21 -15.36
C GLN A 62 13.41 -11.05 -14.94
N ILE A 63 13.21 -10.56 -13.72
CA ILE A 63 14.01 -9.45 -13.20
C ILE A 63 15.48 -9.80 -13.13
N LYS A 64 15.79 -10.93 -12.52
CA LYS A 64 17.19 -11.36 -12.45
C LYS A 64 17.81 -11.42 -13.85
N GLU A 65 17.07 -11.97 -14.78
CA GLU A 65 17.55 -12.07 -16.14
C GLU A 65 17.79 -10.67 -16.73
N ASP A 66 16.89 -9.75 -16.50
CA ASP A 66 17.07 -8.38 -16.93
C ASP A 66 18.36 -7.79 -16.41
N ILE A 67 18.59 -7.93 -15.11
CA ILE A 67 19.78 -7.41 -14.47
C ILE A 67 21.04 -8.05 -14.98
N GLN A 68 20.93 -9.34 -15.24
CA GLN A 68 21.96 -10.11 -15.88
C GLN A 68 22.23 -9.57 -17.27
N SER A 69 21.20 -9.44 -18.09
CA SER A 69 21.36 -8.77 -19.39
C SER A 69 22.15 -7.48 -19.24
N ILE A 70 21.73 -6.65 -18.28
CA ILE A 70 22.42 -5.37 -18.05
C ILE A 70 23.89 -5.59 -17.70
N GLU A 71 24.16 -6.40 -16.68
CA GLU A 71 25.54 -6.61 -16.22
C GLU A 71 26.44 -7.02 -17.36
N LYS A 72 26.00 -8.02 -18.10
CA LYS A 72 26.70 -8.51 -19.28
C LYS A 72 26.91 -7.41 -20.31
N TYR A 73 25.81 -6.94 -20.91
CA TYR A 73 25.85 -5.97 -22.00
C TYR A 73 25.29 -4.62 -21.56
N PRO A 74 26.13 -3.80 -20.92
CA PRO A 74 25.58 -2.58 -20.34
C PRO A 74 25.08 -1.61 -21.42
N TYR A 75 25.56 -1.80 -22.65
CA TYR A 75 25.37 -0.82 -23.72
C TYR A 75 24.51 -1.28 -24.89
N GLU A 76 23.84 -2.41 -24.74
CA GLU A 76 22.98 -2.95 -25.80
C GLU A 76 21.51 -2.76 -25.45
N TYR A 77 20.67 -2.69 -26.47
CA TYR A 77 19.25 -2.49 -26.20
C TYR A 77 18.56 -3.79 -25.85
N HIS A 78 17.91 -3.81 -24.69
CA HIS A 78 17.35 -5.04 -24.18
C HIS A 78 15.84 -4.91 -24.19
N HIS A 79 15.18 -5.94 -24.71
CA HIS A 79 13.74 -6.07 -24.52
C HIS A 79 13.44 -6.66 -23.16
N PHE A 80 13.50 -5.83 -22.14
CA PHE A 80 13.42 -6.30 -20.77
C PHE A 80 12.11 -7.07 -20.54
N GLN A 81 12.21 -8.21 -19.87
CA GLN A 81 11.07 -9.09 -19.73
C GLN A 81 10.25 -8.57 -18.63
N SER A 82 10.93 -7.79 -17.85
CA SER A 82 10.55 -7.36 -16.55
C SER A 82 9.66 -6.14 -16.56
N ASP A 83 10.25 -5.05 -16.15
CA ASP A 83 9.59 -3.79 -16.17
C ASP A 83 10.62 -2.97 -16.83
N ARG A 84 10.31 -2.54 -18.04
CA ARG A 84 11.32 -1.94 -18.91
C ARG A 84 11.68 -0.51 -18.46
N ARG A 85 10.72 0.18 -17.83
CA ARG A 85 11.00 1.52 -17.31
C ARG A 85 12.06 1.52 -16.21
N ILE A 86 11.95 0.57 -15.29
CA ILE A 86 12.96 0.44 -14.23
C ILE A 86 14.33 0.00 -14.76
N MET A 87 14.32 -0.96 -15.66
CA MET A 87 15.56 -1.57 -16.11
C MET A 87 16.32 -0.62 -17.02
N MET A 88 15.58 0.14 -17.80
CA MET A 88 16.17 1.22 -18.58
C MET A 88 16.91 2.19 -17.66
N ALA A 89 16.29 2.53 -16.55
CA ALA A 89 16.90 3.46 -15.60
C ALA A 89 18.11 2.86 -14.87
N LEU A 90 18.00 1.59 -14.46
CA LEU A 90 19.13 0.92 -13.82
C LEU A 90 20.30 0.83 -14.78
N GLN A 91 20.00 0.42 -16.01
CA GLN A 91 21.01 0.34 -17.04
C GLN A 91 21.70 1.68 -17.23
N HIS A 92 20.93 2.76 -17.13
CA HIS A 92 21.50 4.09 -17.26
C HIS A 92 22.46 4.42 -16.12
N VAL A 93 22.05 4.12 -14.89
CA VAL A 93 22.92 4.33 -13.73
C VAL A 93 24.18 3.48 -13.83
N ALA A 94 24.02 2.24 -14.29
CA ALA A 94 25.14 1.31 -14.42
C ALA A 94 26.24 1.86 -15.31
N GLN A 95 25.84 2.65 -16.32
CA GLN A 95 26.80 3.22 -17.26
C GLN A 95 27.64 4.31 -16.62
N HIS A 96 27.10 4.95 -15.59
CA HIS A 96 27.75 6.11 -14.97
C HIS A 96 28.39 5.77 -13.63
N LYS A 97 27.85 4.77 -12.94
CA LYS A 97 28.31 4.41 -11.61
C LYS A 97 28.64 2.94 -11.55
N ASN A 98 29.44 2.54 -10.57
CA ASN A 98 29.72 1.13 -10.38
C ASN A 98 28.66 0.44 -9.54
N ILE A 99 28.03 -0.58 -10.12
CA ILE A 99 26.93 -1.28 -9.48
C ILE A 99 27.39 -2.66 -9.02
N ALA A 100 27.31 -2.93 -7.71
CA ALA A 100 27.58 -4.27 -7.20
C ALA A 100 26.48 -5.26 -7.59
N PHE A 101 26.61 -5.86 -8.76
CA PHE A 101 25.54 -6.71 -9.29
C PHE A 101 25.30 -7.97 -8.44
N GLN A 102 26.35 -8.51 -7.85
CA GLN A 102 26.19 -9.70 -7.00
C GLN A 102 25.30 -9.38 -5.81
N SER A 103 25.32 -8.13 -5.37
CA SER A 103 24.46 -7.72 -4.28
C SER A 103 22.99 -7.79 -4.67
N PHE A 104 22.66 -7.37 -5.89
CA PHE A 104 21.32 -7.58 -6.44
C PHE A 104 20.97 -9.08 -6.46
N TYR A 105 21.92 -9.90 -6.87
CA TYR A 105 21.68 -11.35 -6.92
C TYR A 105 21.48 -11.95 -5.53
N ASN A 106 22.22 -11.45 -4.55
CA ASN A 106 22.01 -11.88 -3.17
C ASN A 106 20.60 -11.56 -2.69
N LEU A 107 20.11 -10.38 -3.07
CA LEU A 107 18.74 -9.95 -2.76
C LEU A 107 17.75 -10.90 -3.41
N ILE A 108 17.96 -11.19 -4.68
CA ILE A 108 17.02 -12.04 -5.39
C ILE A 108 16.99 -13.42 -4.75
N ASP A 109 18.16 -13.91 -4.37
CA ASP A 109 18.27 -15.21 -3.72
C ASP A 109 17.52 -15.23 -2.40
N THR A 110 17.51 -14.11 -1.71
CA THR A 110 16.98 -14.08 -0.35
C THR A 110 15.47 -13.92 -0.38
N VAL A 111 15.02 -13.06 -1.28
CA VAL A 111 13.60 -12.83 -1.46
C VAL A 111 12.94 -14.10 -1.97
N TYR A 112 13.68 -14.86 -2.76
CA TYR A 112 13.18 -16.12 -3.27
C TYR A 112 12.78 -17.08 -2.12
N LYS A 113 13.59 -17.12 -1.08
CA LYS A 113 13.35 -18.04 0.04
C LYS A 113 12.08 -17.73 0.79
N ASP A 114 11.66 -16.47 0.72
CA ASP A 114 10.42 -16.02 1.37
C ASP A 114 9.21 -16.70 0.75
N GLN A 115 9.36 -17.19 -0.48
CA GLN A 115 8.25 -17.79 -1.18
C GLN A 115 7.90 -19.17 -0.64
N HIS A 116 8.90 -19.91 -0.20
CA HIS A 116 8.66 -21.10 0.61
C HIS A 116 9.08 -20.83 2.03
N PHE A 117 8.26 -20.08 2.75
CA PHE A 117 8.69 -19.48 3.99
C PHE A 117 8.97 -20.54 5.06
N THR A 118 10.20 -20.58 5.54
CA THR A 118 10.50 -21.27 6.79
C THR A 118 11.08 -20.31 7.83
N MET A 119 10.76 -20.53 9.10
CA MET A 119 11.24 -19.66 10.16
C MET A 119 12.75 -19.81 10.39
N PHE A 120 13.37 -18.77 10.93
CA PHE A 120 14.77 -18.84 11.34
C PHE A 120 14.86 -19.56 12.69
N GLU A 121 15.90 -20.38 12.86
CA GLU A 121 16.15 -21.05 14.15
C GLU A 121 16.81 -20.10 15.16
N THR A 122 17.71 -19.27 14.65
CA THR A 122 18.53 -18.42 15.50
C THR A 122 18.46 -16.97 15.01
N ASP A 123 19.04 -16.06 15.80
CA ASP A 123 19.16 -14.68 15.40
C ASP A 123 20.18 -14.47 14.29
N ALA A 124 21.21 -15.31 14.25
CA ALA A 124 22.25 -15.15 13.23
C ALA A 124 21.66 -15.33 11.83
N GLU A 125 20.68 -16.21 11.71
CA GLU A 125 19.97 -16.40 10.46
C GLU A 125 19.08 -15.20 10.13
N LEU A 126 18.41 -14.65 11.12
CA LEU A 126 17.62 -13.46 10.89
C LEU A 126 18.54 -12.32 10.47
N PHE A 127 19.69 -12.23 11.10
CA PHE A 127 20.67 -11.20 10.73
C PHE A 127 21.19 -11.39 9.31
N GLY A 128 21.36 -12.64 8.90
CA GLY A 128 21.75 -12.97 7.54
C GLY A 128 20.66 -12.65 6.53
N TYR A 129 19.41 -12.81 6.94
CA TYR A 129 18.28 -12.35 6.15
C TYR A 129 18.30 -10.82 6.01
N CYS A 130 18.59 -10.12 7.10
CA CYS A 130 18.67 -8.68 7.03
C CYS A 130 19.78 -8.20 6.12
N TYR A 131 20.89 -8.93 6.09
CA TYR A 131 21.91 -8.61 5.11
C TYR A 131 21.34 -8.79 3.72
N GLY A 132 20.69 -9.94 3.50
CA GLY A 132 20.32 -10.38 2.15
C GLY A 132 19.31 -9.45 1.51
N VAL A 133 18.51 -8.85 2.33
CA VAL A 133 17.41 -8.07 1.88
C VAL A 133 17.60 -6.59 1.97
N ALA A 134 18.50 -6.17 2.82
CA ALA A 134 18.71 -4.77 3.08
C ALA A 134 20.16 -4.31 3.03
N GLY A 135 21.05 -5.17 3.50
CA GLY A 135 22.48 -4.98 3.51
C GLY A 135 22.99 -4.91 2.12
N THR A 136 22.47 -5.77 1.28
CA THR A 136 22.72 -5.74 -0.16
C THR A 136 22.37 -4.38 -0.77
N VAL A 137 21.21 -3.85 -0.45
CA VAL A 137 20.81 -2.54 -0.94
C VAL A 137 21.81 -1.47 -0.55
N GLY A 138 22.25 -1.51 0.71
CA GLY A 138 23.26 -0.60 1.19
C GLY A 138 24.54 -0.71 0.39
N GLU A 139 24.85 -1.93 -0.05
CA GLU A 139 26.01 -2.13 -0.90
C GLU A 139 25.82 -1.52 -2.29
N VAL A 140 24.65 -1.73 -2.90
CA VAL A 140 24.37 -1.14 -4.21
C VAL A 140 24.40 0.38 -4.14
N LEU A 141 23.88 0.94 -3.05
CA LEU A 141 23.79 2.37 -2.88
C LEU A 141 25.11 3.04 -2.56
N THR A 142 26.11 2.25 -2.20
CA THR A 142 27.32 2.82 -1.59
C THR A 142 28.08 3.77 -2.52
N PRO A 143 28.25 3.38 -3.80
CA PRO A 143 28.90 4.27 -4.75
C PRO A 143 28.14 5.58 -4.96
N ILE A 144 26.81 5.55 -4.81
CA ILE A 144 26.00 6.74 -4.93
C ILE A 144 26.17 7.66 -3.72
N LEU A 145 26.39 7.07 -2.55
CA LEU A 145 26.24 7.78 -1.29
C LEU A 145 27.57 8.25 -0.71
N SER A 146 28.66 7.88 -1.36
CA SER A 146 29.98 8.23 -0.86
C SER A 146 30.99 8.24 -1.98
N ASP A 147 32.13 8.89 -1.75
CA ASP A 147 33.20 8.95 -2.75
C ASP A 147 34.31 7.94 -2.47
N HIS A 148 34.25 7.33 -1.29
CA HIS A 148 35.18 6.26 -0.91
C HIS A 148 34.51 4.90 -0.92
N GLU A 149 34.67 4.18 -2.02
CA GLU A 149 34.10 2.85 -2.14
C GLU A 149 35.06 1.79 -1.60
N THR A 150 35.31 1.85 -0.29
CA THR A 150 36.22 0.94 0.37
C THR A 150 35.40 -0.03 1.22
N HIS A 151 36.05 -1.08 1.72
CA HIS A 151 35.35 -2.05 2.55
C HIS A 151 34.74 -1.43 3.82
N GLN A 152 35.34 -0.36 4.33
CA GLN A 152 34.82 0.25 5.54
C GLN A 152 33.59 1.09 5.28
N THR A 153 33.55 1.73 4.12
CA THR A 153 32.35 2.42 3.68
C THR A 153 31.23 1.40 3.54
N TYR A 154 31.51 0.32 2.84
CA TYR A 154 30.56 -0.76 2.67
C TYR A 154 30.05 -1.31 3.99
N ASP A 155 30.93 -1.41 4.97
CA ASP A 155 30.54 -2.02 6.24
C ASP A 155 29.49 -1.17 6.94
N VAL A 156 29.65 0.14 6.86
CA VAL A 156 28.68 1.04 7.45
C VAL A 156 27.36 1.02 6.68
N ALA A 157 27.45 0.98 5.35
CA ALA A 157 26.26 0.96 4.52
C ALA A 157 25.48 -0.34 4.73
N ARG A 158 26.18 -1.45 4.86
CA ARG A 158 25.55 -2.72 5.16
C ARG A 158 24.77 -2.61 6.44
N ARG A 159 25.44 -2.17 7.49
CA ARG A 159 24.83 -2.13 8.81
C ARG A 159 23.66 -1.16 8.81
N LEU A 160 23.78 -0.10 8.02
CA LEU A 160 22.66 0.81 7.83
C LEU A 160 21.42 0.08 7.30
N GLY A 161 21.57 -0.57 6.15
CA GLY A 161 20.49 -1.36 5.56
C GLY A 161 19.92 -2.41 6.51
N GLU A 162 20.79 -3.11 7.23
CA GLU A 162 20.32 -4.18 8.09
C GLU A 162 19.55 -3.68 9.30
N SER A 163 19.98 -2.53 9.82
CA SER A 163 19.23 -1.92 10.91
C SER A 163 17.89 -1.36 10.42
N LEU A 164 17.87 -0.80 9.21
CA LEU A 164 16.61 -0.36 8.62
C LEU A 164 15.65 -1.53 8.50
N GLN A 165 16.17 -2.67 8.05
CA GLN A 165 15.34 -3.85 7.86
C GLN A 165 14.81 -4.41 9.17
N LEU A 166 15.63 -4.39 10.21
CA LEU A 166 15.21 -4.94 11.49
C LEU A 166 14.06 -4.10 12.00
N ILE A 167 14.15 -2.79 11.81
CA ILE A 167 13.06 -1.88 12.15
C ILE A 167 11.80 -2.13 11.33
N ASN A 168 11.98 -2.38 10.04
CA ASN A 168 10.89 -2.81 9.14
C ASN A 168 10.17 -4.03 9.68
N ILE A 169 10.97 -5.01 10.11
CA ILE A 169 10.43 -6.24 10.70
C ILE A 169 9.66 -5.98 12.01
N LEU A 170 10.19 -5.09 12.83
CA LEU A 170 9.58 -4.79 14.12
C LEU A 170 8.28 -3.98 13.96
N ARG A 171 8.12 -3.33 12.82
CA ARG A 171 6.86 -2.67 12.48
C ARG A 171 5.87 -3.68 11.90
N ASP A 172 6.37 -4.69 11.22
CA ASP A 172 5.52 -5.51 10.37
C ASP A 172 5.06 -6.79 11.03
N VAL A 173 5.34 -6.95 12.32
CA VAL A 173 5.03 -8.20 13.02
C VAL A 173 3.61 -8.67 12.71
N GLY A 174 2.63 -7.83 13.00
CA GLY A 174 1.23 -8.18 12.76
C GLY A 174 1.00 -8.58 11.31
N GLU A 175 1.36 -7.71 10.39
CA GLU A 175 1.00 -7.89 9.00
C GLU A 175 1.77 -9.05 8.37
N ASP A 176 2.98 -9.28 8.88
CA ASP A 176 3.73 -10.47 8.50
C ASP A 176 3.05 -11.75 9.00
N PHE A 177 2.49 -11.71 10.21
CA PHE A 177 1.78 -12.87 10.71
C PHE A 177 0.53 -13.15 9.88
N GLU A 178 -0.28 -12.11 9.66
CA GLU A 178 -1.47 -12.24 8.84
C GLU A 178 -1.08 -12.78 7.47
N ASN A 179 0.21 -12.69 7.16
CA ASN A 179 0.73 -13.25 5.93
C ASN A 179 1.40 -14.58 6.18
N GLU A 180 1.25 -15.06 7.42
CA GLU A 180 1.82 -16.33 7.83
C GLU A 180 3.32 -16.32 7.77
N ARG A 181 3.91 -15.20 8.17
CA ARG A 181 5.35 -15.11 8.33
C ARG A 181 5.71 -14.59 9.72
N ILE A 182 6.68 -15.23 10.34
CA ILE A 182 7.30 -14.70 11.54
C ILE A 182 8.80 -14.63 11.35
N TYR A 183 9.38 -13.46 11.62
CA TYR A 183 10.80 -13.22 11.34
C TYR A 183 11.64 -13.24 12.63
N PHE A 184 10.97 -13.12 13.78
CA PHE A 184 11.60 -13.45 15.06
C PHE A 184 12.08 -14.89 15.06
N SER A 185 13.29 -15.11 15.58
CA SER A 185 13.89 -16.45 15.52
C SER A 185 13.17 -17.38 16.49
N LYS A 186 13.20 -18.67 16.19
CA LYS A 186 12.62 -19.66 17.07
C LYS A 186 13.36 -19.66 18.42
N GLN A 187 14.68 -19.68 18.34
CA GLN A 187 15.53 -19.51 19.52
C GLN A 187 14.99 -18.44 20.45
N ARG A 188 14.79 -17.23 19.92
CA ARG A 188 14.50 -16.09 20.77
C ARG A 188 13.03 -16.08 21.23
N LEU A 189 12.15 -16.62 20.39
CA LEU A 189 10.73 -16.72 20.75
C LEU A 189 10.52 -17.68 21.92
N LYS A 190 11.16 -18.84 21.86
CA LYS A 190 11.06 -19.82 22.94
C LYS A 190 11.65 -19.25 24.23
N GLN A 191 12.93 -18.85 24.16
CA GLN A 191 13.60 -18.23 25.29
C GLN A 191 12.75 -17.19 25.99
N TYR A 192 11.96 -16.44 25.23
CA TYR A 192 11.14 -15.39 25.81
C TYR A 192 9.71 -15.86 26.04
N GLU A 193 9.45 -17.12 25.67
CA GLU A 193 8.12 -17.72 25.85
C GLU A 193 7.03 -16.92 25.16
N VAL A 194 7.25 -16.59 23.89
CA VAL A 194 6.29 -15.84 23.09
C VAL A 194 5.76 -16.69 21.95
N ASP A 195 4.45 -16.62 21.75
CA ASP A 195 3.82 -17.26 20.61
C ASP A 195 2.97 -16.25 19.85
N ILE A 196 3.33 -16.00 18.60
CA ILE A 196 2.83 -14.82 17.89
C ILE A 196 1.35 -14.99 17.54
N ALA A 197 0.97 -16.17 17.08
CA ALA A 197 -0.44 -16.55 16.98
C ALA A 197 -1.22 -16.16 18.23
N GLU A 198 -0.81 -16.71 19.37
CA GLU A 198 -1.50 -16.46 20.63
C GLU A 198 -1.54 -14.98 20.96
N VAL A 199 -0.41 -14.30 20.81
CA VAL A 199 -0.32 -12.87 21.06
C VAL A 199 -1.17 -12.06 20.09
N TYR A 200 -1.31 -12.57 18.86
CA TYR A 200 -2.13 -11.93 17.85
C TYR A 200 -3.59 -11.90 18.31
N GLN A 201 -3.98 -12.94 19.04
CA GLN A 201 -5.38 -13.17 19.39
C GLN A 201 -5.78 -12.34 20.61
N ASN A 202 -4.98 -12.44 21.66
CA ASN A 202 -5.39 -11.92 22.96
C ASN A 202 -4.62 -10.67 23.38
N GLY A 203 -3.86 -10.10 22.45
CA GLY A 203 -3.18 -8.84 22.70
C GLY A 203 -1.77 -9.02 23.24
N VAL A 204 -1.11 -7.92 23.55
CA VAL A 204 0.33 -7.92 23.77
C VAL A 204 0.66 -7.93 25.25
N ASN A 205 1.33 -8.98 25.71
CA ASN A 205 1.67 -9.14 27.12
C ASN A 205 3.08 -8.64 27.45
N ASN A 206 3.56 -8.97 28.64
CA ASN A 206 4.85 -8.50 29.09
C ASN A 206 6.00 -9.27 28.46
N HIS A 207 5.74 -10.52 28.07
CA HIS A 207 6.76 -11.36 27.47
C HIS A 207 7.01 -11.00 26.00
N TYR A 208 5.96 -10.52 25.32
CA TYR A 208 6.12 -10.02 23.96
C TYR A 208 6.87 -8.70 23.96
N ILE A 209 6.50 -7.79 24.84
CA ILE A 209 7.11 -6.47 24.89
C ILE A 209 8.60 -6.58 25.17
N ASP A 210 8.96 -7.51 26.03
CA ASP A 210 10.36 -7.80 26.33
C ASP A 210 11.08 -8.24 25.06
N LEU A 211 10.50 -9.21 24.36
CA LEU A 211 11.14 -9.76 23.17
C LEU A 211 11.30 -8.69 22.08
N TRP A 212 10.19 -8.04 21.73
CA TRP A 212 10.23 -6.93 20.79
C TRP A 212 11.32 -5.95 21.17
N GLU A 213 11.37 -5.58 22.46
CA GLU A 213 12.31 -4.58 22.91
C GLU A 213 13.74 -5.09 22.84
N TYR A 214 13.91 -6.41 22.94
CA TYR A 214 15.24 -7.00 22.76
C TYR A 214 15.78 -6.71 21.37
N TYR A 215 14.93 -6.87 20.36
CA TYR A 215 15.33 -6.61 18.98
C TYR A 215 15.46 -5.11 18.73
N ALA A 216 14.54 -4.33 19.28
CA ALA A 216 14.61 -2.88 19.16
C ALA A 216 15.96 -2.34 19.61
N ALA A 217 16.40 -2.76 20.80
CA ALA A 217 17.66 -2.31 21.36
C ALA A 217 18.81 -2.60 20.38
N ILE A 218 18.75 -3.75 19.73
CA ILE A 218 19.79 -4.12 18.78
C ILE A 218 19.81 -3.17 17.57
N ALA A 219 18.62 -2.90 17.05
CA ALA A 219 18.47 -1.96 15.95
C ALA A 219 18.95 -0.56 16.37
N GLU A 220 18.61 -0.19 17.60
CA GLU A 220 18.96 1.14 18.09
C GLU A 220 20.45 1.25 18.39
N LYS A 221 21.03 0.17 18.89
CA LYS A 221 22.46 0.08 19.08
C LYS A 221 23.20 0.19 17.75
N ASP A 222 22.78 -0.62 16.78
CA ASP A 222 23.37 -0.58 15.44
C ASP A 222 23.26 0.78 14.74
N PHE A 223 22.12 1.44 14.88
CA PHE A 223 21.95 2.78 14.32
C PHE A 223 22.94 3.77 14.91
N ARG A 224 23.04 3.77 16.24
CA ARG A 224 24.06 4.54 16.94
C ARG A 224 25.44 4.32 16.32
N ASP A 225 25.80 3.06 16.08
CA ASP A 225 27.12 2.74 15.56
C ASP A 225 27.32 3.27 14.15
N VAL A 226 26.27 3.22 13.34
CA VAL A 226 26.28 3.84 12.02
C VAL A 226 26.41 5.34 12.09
N MET A 227 25.64 5.95 12.98
CA MET A 227 25.63 7.41 13.12
C MET A 227 27.00 7.96 13.50
N ASP A 228 27.82 7.14 14.16
CA ASP A 228 29.17 7.55 14.50
C ASP A 228 30.06 7.64 13.27
N GLN A 229 29.87 6.70 12.35
CA GLN A 229 30.73 6.61 11.17
C GLN A 229 30.07 7.26 9.95
N ILE A 230 29.15 8.18 10.21
CA ILE A 230 28.38 8.82 9.16
C ILE A 230 29.31 9.57 8.22
N LYS A 231 30.52 9.82 8.71
CA LYS A 231 31.52 10.54 7.94
C LYS A 231 31.94 9.79 6.68
N VAL A 232 31.69 8.48 6.66
CA VAL A 232 32.14 7.66 5.54
C VAL A 232 31.46 8.12 4.27
N PHE A 233 30.26 8.65 4.41
CA PHE A 233 29.44 9.06 3.27
C PHE A 233 29.79 10.50 2.88
N SER A 234 29.33 10.92 1.71
CA SER A 234 29.62 12.24 1.18
C SER A 234 28.98 13.32 2.06
N ILE A 235 29.49 14.55 1.94
CA ILE A 235 28.97 15.67 2.72
C ILE A 235 27.45 15.81 2.54
N GLU A 236 27.00 15.75 1.29
CA GLU A 236 25.60 16.00 0.97
C GLU A 236 24.67 14.87 1.43
N ALA A 237 25.21 13.65 1.45
CA ALA A 237 24.42 12.47 1.83
C ALA A 237 24.34 12.29 3.35
N GLN A 238 25.31 12.85 4.06
CA GLN A 238 25.37 12.66 5.49
C GLN A 238 24.09 13.07 6.21
N PRO A 239 23.67 14.33 6.02
CA PRO A 239 22.44 14.78 6.70
C PRO A 239 21.20 14.02 6.21
N ILE A 240 21.21 13.60 4.95
CA ILE A 240 20.09 12.83 4.41
C ILE A 240 20.04 11.44 5.04
N ILE A 241 21.21 10.81 5.17
CA ILE A 241 21.25 9.47 5.73
C ILE A 241 20.89 9.52 7.22
N GLU A 242 21.28 10.60 7.87
CA GLU A 242 20.91 10.82 9.26
C GLU A 242 19.38 11.00 9.40
N LEU A 243 18.80 11.78 8.52
CA LEU A 243 17.34 11.95 8.50
C LEU A 243 16.61 10.62 8.25
N ALA A 244 17.01 9.94 7.17
CA ALA A 244 16.40 8.66 6.82
C ALA A 244 16.40 7.70 8.00
N ALA A 245 17.48 7.72 8.77
CA ALA A 245 17.62 6.85 9.93
C ALA A 245 16.81 7.34 11.13
N ARG A 246 16.90 8.63 11.42
CA ARG A 246 16.11 9.20 12.49
C ARG A 246 14.63 8.91 12.30
N ILE A 247 14.15 9.06 11.07
CA ILE A 247 12.75 8.80 10.77
C ILE A 247 12.40 7.35 11.09
N TYR A 248 13.30 6.44 10.74
CA TYR A 248 13.04 5.02 10.85
C TYR A 248 13.21 4.54 12.29
N ILE A 249 14.09 5.20 13.03
CA ILE A 249 14.15 5.06 14.48
C ILE A 249 12.83 5.51 15.12
N GLU A 250 12.27 6.60 14.61
CA GLU A 250 11.03 7.14 15.15
C GLU A 250 9.88 6.15 14.95
N ILE A 251 10.04 5.26 13.99
CA ILE A 251 9.06 4.20 13.79
C ILE A 251 8.95 3.27 15.00
N LEU A 252 10.08 2.97 15.63
CA LEU A 252 10.07 2.20 16.87
C LEU A 252 9.24 2.86 17.96
N ASP A 253 9.46 4.15 18.16
CA ASP A 253 8.68 4.90 19.15
C ASP A 253 7.19 4.89 18.84
N GLU A 254 6.86 4.82 17.55
CA GLU A 254 5.46 4.83 17.14
C GLU A 254 4.78 3.51 17.46
N VAL A 255 5.49 2.41 17.23
CA VAL A 255 5.04 1.11 17.68
C VAL A 255 4.79 1.12 19.18
N ARG A 256 5.68 1.78 19.92
CA ARG A 256 5.62 1.80 21.37
C ARG A 256 4.38 2.54 21.84
N GLN A 257 4.15 3.72 21.28
CA GLN A 257 2.98 4.52 21.63
C GLN A 257 1.66 3.83 21.25
N ALA A 258 1.64 3.16 20.11
CA ALA A 258 0.50 2.31 19.75
C ALA A 258 0.52 0.98 20.49
N ASN A 259 1.37 0.88 21.51
CA ASN A 259 1.39 -0.29 22.38
C ASN A 259 1.63 -1.60 21.61
N TYR A 260 2.49 -1.54 20.59
CA TYR A 260 3.00 -2.73 19.94
C TYR A 260 1.94 -3.47 19.11
N THR A 261 0.92 -2.75 18.67
CA THR A 261 -0.20 -3.38 17.97
C THR A 261 0.28 -4.31 16.86
N LEU A 262 -0.31 -5.50 16.79
CA LEU A 262 -0.11 -6.36 15.64
C LEU A 262 -1.26 -6.25 14.65
N HIS A 263 -1.97 -5.13 14.69
CA HIS A 263 -3.25 -5.02 14.00
C HIS A 263 -3.39 -3.74 13.17
N GLU A 264 -2.40 -2.85 13.28
CA GLU A 264 -2.19 -1.84 12.27
C GLU A 264 -0.72 -1.59 11.92
N ARG A 265 -0.50 -0.89 10.82
CA ARG A 265 0.83 -0.40 10.45
C ARG A 265 1.01 1.05 10.91
N VAL A 266 1.92 1.24 11.84
CA VAL A 266 2.19 2.58 12.34
C VAL A 266 3.07 3.33 11.36
N PHE A 267 3.02 4.65 11.40
CA PHE A 267 3.83 5.47 10.51
C PHE A 267 4.20 6.77 11.16
N VAL A 268 5.26 7.38 10.66
CA VAL A 268 5.62 8.73 11.05
C VAL A 268 4.98 9.73 10.09
N GLU A 269 4.23 10.68 10.63
CA GLU A 269 3.57 11.70 9.81
C GLU A 269 4.60 12.58 9.11
N LYS A 270 4.27 13.03 7.92
CA LYS A 270 5.07 14.02 7.22
C LYS A 270 5.42 15.17 8.17
N ARG A 271 4.49 15.48 9.07
CA ARG A 271 4.66 16.61 9.97
C ARG A 271 5.78 16.36 10.98
N LYS A 272 5.88 15.13 11.46
CA LYS A 272 7.02 14.71 12.28
C LYS A 272 8.30 14.48 11.49
N LYS A 273 8.16 14.10 10.22
CA LYS A 273 9.32 14.00 9.34
C LYS A 273 9.98 15.36 9.21
N ALA A 274 9.17 16.38 8.89
CA ALA A 274 9.65 17.75 8.82
C ALA A 274 10.35 18.18 10.12
N LYS A 275 9.69 17.97 11.26
CA LYS A 275 10.31 18.19 12.57
C LYS A 275 11.73 17.65 12.62
N LEU A 276 11.89 16.36 12.33
CA LEU A 276 13.20 15.71 12.40
C LEU A 276 14.22 16.35 11.50
N PHE A 277 13.80 16.69 10.28
CA PHE A 277 14.64 17.41 9.33
C PHE A 277 15.16 18.72 9.92
N HIS A 278 14.28 19.48 10.57
CA HIS A 278 14.68 20.67 11.30
C HIS A 278 15.70 20.33 12.39
N GLU A 279 15.32 19.46 13.32
CA GLU A 279 16.21 19.04 14.39
C GLU A 279 17.63 18.81 13.86
N ILE A 280 17.73 18.38 12.61
CA ILE A 280 18.97 17.85 12.08
C ILE A 280 19.80 18.92 11.38
N ASN A 281 19.13 19.84 10.73
CA ASN A 281 19.79 20.87 9.96
C ASN A 281 20.52 21.94 10.76
N SER A 282 20.23 22.04 12.01
CA SER A 282 20.92 23.02 12.75
C SER A 282 22.40 22.66 12.66
N LYS A 283 22.71 21.38 12.72
CA LYS A 283 24.07 20.92 12.75
C LYS A 283 24.74 20.81 11.37
N TYR A 284 24.02 21.14 10.33
CA TYR A 284 24.56 21.09 9.00
C TYR A 284 24.12 22.40 8.40
N MET B 1 -9.17 -26.08 8.89
CA MET B 1 -9.44 -25.10 7.79
C MET B 1 -9.25 -25.75 6.42
N THR B 2 -10.35 -25.95 5.69
CA THR B 2 -10.27 -26.36 4.29
C THR B 2 -9.46 -25.37 3.47
N MET B 3 -9.02 -25.80 2.29
CA MET B 3 -8.35 -24.91 1.34
C MET B 3 -9.24 -23.72 0.98
N MET B 4 -10.49 -24.00 0.62
CA MET B 4 -11.45 -22.93 0.32
C MET B 4 -11.56 -21.91 1.46
N ASP B 5 -11.48 -22.39 2.70
CA ASP B 5 -11.43 -21.50 3.85
C ASP B 5 -10.17 -20.66 3.84
N MET B 6 -9.04 -21.27 3.46
CA MET B 6 -7.80 -20.53 3.33
C MET B 6 -7.98 -19.38 2.33
N ASN B 7 -8.55 -19.69 1.17
CA ASN B 7 -8.76 -18.70 0.12
C ASN B 7 -9.51 -17.48 0.62
N PHE B 8 -10.62 -17.72 1.32
CA PHE B 8 -11.48 -16.66 1.84
C PHE B 8 -10.78 -15.84 2.89
N LYS B 9 -9.88 -16.49 3.64
CA LYS B 9 -9.14 -15.85 4.72
C LYS B 9 -8.07 -14.93 4.14
N TYR B 10 -7.48 -15.35 3.03
CA TYR B 10 -6.61 -14.50 2.22
C TYR B 10 -7.36 -13.27 1.69
N CYS B 11 -8.54 -13.48 1.14
CA CYS B 11 -9.43 -12.38 0.80
C CYS B 11 -9.69 -11.44 1.97
N HIS B 12 -9.92 -12.00 3.15
CA HIS B 12 -10.19 -11.21 4.35
C HIS B 12 -8.99 -10.35 4.71
N LYS B 13 -7.80 -10.91 4.55
CA LYS B 13 -6.58 -10.23 4.93
C LYS B 13 -6.35 -9.05 3.98
N ILE B 14 -6.75 -9.21 2.73
CA ILE B 14 -6.60 -8.14 1.75
C ILE B 14 -7.53 -6.96 2.05
N MET B 15 -8.78 -7.27 2.35
CA MET B 15 -9.74 -6.26 2.73
C MET B 15 -9.35 -5.52 4.00
N LYS B 16 -8.72 -6.21 4.93
CA LYS B 16 -8.38 -5.64 6.23
C LYS B 16 -7.16 -4.73 6.09
N LYS B 17 -6.27 -5.09 5.19
CA LYS B 17 -5.10 -4.26 4.91
C LYS B 17 -5.46 -2.91 4.32
N HIS B 18 -6.42 -2.88 3.38
CA HIS B 18 -6.62 -1.72 2.51
C HIS B 18 -7.84 -0.88 2.87
N SER B 19 -8.86 -1.52 3.41
CA SER B 19 -10.04 -0.77 3.84
C SER B 19 -10.44 -1.13 5.26
N LYS B 20 -9.61 -0.70 6.22
CA LYS B 20 -9.91 -0.85 7.65
C LYS B 20 -11.37 -0.54 7.96
N SER B 21 -11.95 0.42 7.24
CA SER B 21 -13.24 0.98 7.63
C SER B 21 -14.39 0.12 7.14
N PHE B 22 -14.35 -0.27 5.88
CA PHE B 22 -15.27 -1.28 5.37
C PHE B 22 -15.01 -2.58 6.10
N SER B 23 -13.74 -2.82 6.41
CA SER B 23 -13.32 -4.05 7.06
C SER B 23 -13.97 -4.18 8.43
N TYR B 24 -13.69 -3.21 9.29
CA TYR B 24 -14.33 -3.16 10.61
C TYR B 24 -15.80 -3.46 10.48
N ALA B 25 -16.43 -2.88 9.46
CA ALA B 25 -17.88 -2.70 9.46
C ALA B 25 -18.61 -3.92 8.92
N PHE B 26 -18.16 -4.45 7.79
CA PHE B 26 -18.85 -5.58 7.17
C PHE B 26 -18.51 -6.91 7.84
N ASP B 27 -17.38 -6.94 8.55
CA ASP B 27 -16.97 -8.14 9.26
C ASP B 27 -17.95 -8.54 10.37
N LEU B 28 -18.93 -7.69 10.63
CA LEU B 28 -19.98 -7.99 11.59
C LEU B 28 -21.13 -8.78 10.97
N LEU B 29 -21.06 -9.00 9.66
CA LEU B 29 -22.12 -9.73 8.95
C LEU B 29 -22.10 -11.21 9.32
N PRO B 30 -23.25 -11.89 9.17
CA PRO B 30 -23.28 -13.34 9.24
C PRO B 30 -22.13 -13.94 8.44
N GLU B 31 -21.65 -15.11 8.84
CA GLU B 31 -20.41 -15.64 8.30
C GLU B 31 -20.40 -15.76 6.77
N ASP B 32 -21.48 -16.28 6.20
CA ASP B 32 -21.48 -16.60 4.77
C ASP B 32 -21.58 -15.34 3.89
N GLN B 33 -22.34 -14.35 4.37
CA GLN B 33 -22.39 -13.03 3.77
C GLN B 33 -21.08 -12.29 3.86
N ARG B 34 -20.39 -12.37 5.01
CA ARG B 34 -19.14 -11.65 5.17
C ARG B 34 -18.02 -12.25 4.33
N LYS B 35 -18.11 -13.55 4.06
CA LYS B 35 -17.14 -14.21 3.20
C LYS B 35 -17.32 -13.80 1.75
N ALA B 36 -18.57 -13.62 1.34
CA ALA B 36 -18.89 -13.11 0.01
C ALA B 36 -18.33 -11.70 -0.20
N VAL B 37 -18.57 -10.83 0.78
CA VAL B 37 -17.96 -9.50 0.79
C VAL B 37 -16.43 -9.55 0.60
N TRP B 38 -15.76 -10.44 1.32
CA TRP B 38 -14.31 -10.48 1.27
C TRP B 38 -13.85 -10.80 -0.14
N ALA B 39 -14.38 -11.87 -0.71
CA ALA B 39 -14.07 -12.26 -2.08
C ALA B 39 -14.30 -11.09 -3.04
N ILE B 40 -15.45 -10.47 -2.95
CA ILE B 40 -15.84 -9.47 -3.93
C ILE B 40 -14.94 -8.25 -3.81
N TYR B 41 -14.71 -7.81 -2.58
CA TYR B 41 -13.81 -6.70 -2.31
C TYR B 41 -12.39 -6.99 -2.80
N ALA B 42 -11.89 -8.18 -2.53
CA ALA B 42 -10.49 -8.48 -2.80
C ALA B 42 -10.27 -8.48 -4.30
N VAL B 43 -11.30 -8.88 -5.03
CA VAL B 43 -11.26 -8.80 -6.48
C VAL B 43 -11.21 -7.35 -6.96
N CYS B 44 -12.05 -6.51 -6.38
CA CYS B 44 -12.08 -5.08 -6.71
C CYS B 44 -10.77 -4.40 -6.32
N ARG B 45 -10.23 -4.79 -5.17
CA ARG B 45 -8.99 -4.21 -4.67
C ARG B 45 -7.81 -4.56 -5.55
N LYS B 46 -7.75 -5.81 -5.99
CA LYS B 46 -6.69 -6.25 -6.90
C LYS B 46 -6.81 -5.63 -8.28
N ILE B 47 -8.04 -5.47 -8.75
CA ILE B 47 -8.27 -4.73 -9.97
C ILE B 47 -7.72 -3.31 -9.80
N ASP B 48 -8.18 -2.63 -8.75
CA ASP B 48 -7.78 -1.25 -8.52
C ASP B 48 -6.28 -1.12 -8.35
N ASP B 49 -5.72 -1.88 -7.41
CA ASP B 49 -4.32 -1.71 -7.06
C ASP B 49 -3.43 -2.06 -8.22
N SER B 50 -3.95 -2.90 -9.12
CA SER B 50 -3.12 -3.33 -10.25
C SER B 50 -2.70 -2.16 -11.13
N ILE B 51 -3.62 -1.22 -11.33
CA ILE B 51 -3.29 0.01 -12.05
C ILE B 51 -2.71 1.08 -11.11
N ASP B 52 -3.38 1.33 -9.99
CA ASP B 52 -3.03 2.47 -9.14
C ASP B 52 -1.65 2.27 -8.52
N VAL B 53 -1.42 1.07 -7.99
CA VAL B 53 -0.15 0.76 -7.31
C VAL B 53 0.92 0.32 -8.29
N TYR B 54 0.58 -0.62 -9.17
CA TYR B 54 1.57 -1.31 -9.97
C TYR B 54 1.60 -0.94 -11.46
N GLY B 55 0.62 -0.15 -11.89
CA GLY B 55 0.55 0.24 -13.29
C GLY B 55 0.60 -0.94 -14.24
N ASP B 56 0.05 -2.08 -13.80
CA ASP B 56 0.19 -3.33 -14.55
C ASP B 56 -1.08 -3.69 -15.32
N ILE B 57 -1.08 -3.36 -16.61
CA ILE B 57 -2.23 -3.58 -17.48
C ILE B 57 -2.36 -5.06 -17.86
N GLN B 58 -1.25 -5.76 -17.96
CA GLN B 58 -1.27 -7.16 -18.33
C GLN B 58 -1.98 -7.96 -17.25
N PHE B 59 -1.79 -7.56 -16.00
CA PHE B 59 -2.35 -8.27 -14.86
C PHE B 59 -3.83 -7.93 -14.70
N LEU B 60 -4.19 -6.68 -15.03
CA LEU B 60 -5.59 -6.28 -15.10
C LEU B 60 -6.35 -7.16 -16.08
N ASN B 61 -5.79 -7.35 -17.27
CA ASN B 61 -6.43 -8.20 -18.24
C ASN B 61 -6.55 -9.68 -17.86
N GLN B 62 -5.56 -10.21 -17.15
CA GLN B 62 -5.63 -11.59 -16.66
C GLN B 62 -6.79 -11.72 -15.66
N ILE B 63 -6.98 -10.69 -14.86
CA ILE B 63 -8.10 -10.69 -13.94
C ILE B 63 -9.39 -10.74 -14.73
N LYS B 64 -9.49 -9.87 -15.73
CA LYS B 64 -10.73 -9.78 -16.47
C LYS B 64 -11.00 -11.14 -17.09
N GLU B 65 -9.95 -11.77 -17.61
CA GLU B 65 -10.08 -13.07 -18.26
C GLU B 65 -10.49 -14.17 -17.28
N ASP B 66 -9.95 -14.08 -16.06
CA ASP B 66 -10.30 -15.02 -15.01
C ASP B 66 -11.78 -14.91 -14.69
N ILE B 67 -12.24 -13.67 -14.58
CA ILE B 67 -13.64 -13.43 -14.25
C ILE B 67 -14.55 -13.90 -15.37
N GLN B 68 -14.14 -13.66 -16.62
CA GLN B 68 -14.87 -14.18 -17.77
C GLN B 68 -15.01 -15.71 -17.78
N SER B 69 -13.95 -16.41 -17.39
CA SER B 69 -14.01 -17.85 -17.18
C SER B 69 -15.09 -18.25 -16.17
N ILE B 70 -15.15 -17.53 -15.06
CA ILE B 70 -16.13 -17.86 -14.03
C ILE B 70 -17.55 -17.62 -14.53
N GLU B 71 -17.76 -16.52 -15.23
CA GLU B 71 -19.06 -16.19 -15.79
C GLU B 71 -19.53 -17.27 -16.75
N LYS B 72 -18.62 -17.71 -17.62
CA LYS B 72 -18.97 -18.60 -18.71
C LYS B 72 -19.13 -20.03 -18.22
N TYR B 73 -18.25 -20.44 -17.31
CA TYR B 73 -18.23 -21.81 -16.80
C TYR B 73 -18.10 -21.85 -15.29
N PRO B 74 -19.17 -21.44 -14.58
CA PRO B 74 -19.09 -21.26 -13.13
C PRO B 74 -18.73 -22.54 -12.36
N TYR B 75 -19.00 -23.70 -12.96
CA TYR B 75 -18.85 -24.97 -12.24
C TYR B 75 -17.71 -25.83 -12.77
N GLU B 76 -16.89 -25.28 -13.66
CA GLU B 76 -15.72 -25.98 -14.14
C GLU B 76 -14.46 -25.46 -13.45
N TYR B 77 -13.42 -26.26 -13.46
CA TYR B 77 -12.16 -25.85 -12.86
C TYR B 77 -11.36 -25.02 -13.86
N HIS B 78 -10.92 -23.85 -13.41
CA HIS B 78 -10.09 -22.99 -14.25
C HIS B 78 -8.68 -22.89 -13.70
N HIS B 79 -7.69 -22.87 -14.57
CA HIS B 79 -6.34 -22.48 -14.16
C HIS B 79 -6.18 -20.97 -14.24
N PHE B 80 -6.51 -20.31 -13.14
CA PHE B 80 -6.66 -18.87 -13.14
C PHE B 80 -5.31 -18.21 -13.40
N GLN B 81 -5.29 -17.18 -14.21
CA GLN B 81 -4.07 -16.52 -14.55
C GLN B 81 -3.63 -15.44 -13.59
N SER B 82 -4.52 -14.88 -12.81
CA SER B 82 -4.16 -13.74 -12.00
C SER B 82 -3.84 -14.09 -10.57
N ASP B 83 -4.77 -13.95 -9.67
CA ASP B 83 -4.54 -14.38 -8.33
C ASP B 83 -5.45 -15.58 -8.07
N ARG B 84 -4.87 -16.76 -7.98
CA ARG B 84 -5.64 -17.99 -7.86
C ARG B 84 -6.62 -17.94 -6.69
N ARG B 85 -6.16 -17.47 -5.53
CA ARG B 85 -6.95 -17.67 -4.32
C ARG B 85 -8.21 -16.81 -4.30
N ILE B 86 -8.10 -15.60 -4.84
CA ILE B 86 -9.24 -14.68 -4.88
C ILE B 86 -10.29 -15.16 -5.89
N MET B 87 -9.83 -15.64 -7.03
CA MET B 87 -10.72 -16.15 -8.04
C MET B 87 -11.43 -17.43 -7.62
N MET B 88 -10.72 -18.32 -6.93
CA MET B 88 -11.37 -19.51 -6.36
C MET B 88 -12.50 -19.10 -5.43
N ALA B 89 -12.24 -18.13 -4.59
CA ALA B 89 -13.27 -17.65 -3.68
C ALA B 89 -14.42 -16.96 -4.44
N LEU B 90 -14.07 -16.13 -5.42
CA LEU B 90 -15.09 -15.46 -6.22
C LEU B 90 -15.94 -16.49 -6.97
N GLN B 91 -15.29 -17.47 -7.56
CA GLN B 91 -16.02 -18.56 -8.19
C GLN B 91 -16.96 -19.26 -7.21
N HIS B 92 -16.49 -19.46 -5.99
CA HIS B 92 -17.27 -20.14 -4.97
C HIS B 92 -18.52 -19.32 -4.66
N VAL B 93 -18.33 -18.02 -4.48
CA VAL B 93 -19.45 -17.12 -4.23
C VAL B 93 -20.42 -17.13 -5.41
N ALA B 94 -19.86 -17.22 -6.61
CA ALA B 94 -20.64 -17.14 -7.83
C ALA B 94 -21.55 -18.36 -7.97
N GLN B 95 -21.11 -19.49 -7.42
CA GLN B 95 -21.87 -20.73 -7.51
C GLN B 95 -23.13 -20.69 -6.66
N HIS B 96 -23.19 -19.70 -5.76
CA HIS B 96 -24.22 -19.66 -4.72
C HIS B 96 -25.00 -18.35 -4.79
N LYS B 97 -24.39 -17.32 -5.34
CA LYS B 97 -25.02 -16.01 -5.45
C LYS B 97 -25.06 -15.60 -6.91
N ASN B 98 -25.97 -14.69 -7.25
CA ASN B 98 -25.95 -14.07 -8.56
C ASN B 98 -24.95 -12.94 -8.58
N ILE B 99 -23.90 -13.09 -9.37
CA ILE B 99 -22.92 -12.01 -9.53
C ILE B 99 -23.23 -11.20 -10.79
N ALA B 100 -23.35 -9.88 -10.64
CA ALA B 100 -23.50 -9.00 -11.79
C ALA B 100 -22.16 -8.86 -12.51
N PHE B 101 -21.79 -9.88 -13.28
CA PHE B 101 -20.49 -9.87 -13.94
C PHE B 101 -20.18 -8.58 -14.70
N GLN B 102 -21.17 -8.01 -15.38
CA GLN B 102 -20.90 -6.83 -16.19
C GLN B 102 -20.39 -5.67 -15.34
N SER B 103 -20.78 -5.65 -14.08
CA SER B 103 -20.37 -4.59 -13.17
C SER B 103 -18.87 -4.68 -12.84
N PHE B 104 -18.34 -5.90 -12.82
CA PHE B 104 -16.90 -6.11 -12.70
C PHE B 104 -16.20 -5.57 -13.94
N TYR B 105 -16.77 -5.84 -15.12
CA TYR B 105 -16.15 -5.40 -16.36
C TYR B 105 -16.19 -3.87 -16.48
N ASN B 106 -17.24 -3.25 -15.97
CA ASN B 106 -17.28 -1.78 -15.92
C ASN B 106 -16.17 -1.23 -15.04
N LEU B 107 -16.00 -1.87 -13.88
CA LEU B 107 -15.03 -1.40 -12.92
C LEU B 107 -13.65 -1.54 -13.54
N ILE B 108 -13.45 -2.62 -14.26
CA ILE B 108 -12.17 -2.87 -14.92
C ILE B 108 -11.92 -1.89 -16.07
N ASP B 109 -12.92 -1.71 -16.94
CA ASP B 109 -12.86 -0.66 -17.97
C ASP B 109 -12.55 0.73 -17.42
N THR B 110 -13.15 1.08 -16.28
CA THR B 110 -12.91 2.37 -15.68
C THR B 110 -11.49 2.48 -15.09
N VAL B 111 -11.06 1.44 -14.39
CA VAL B 111 -9.78 1.51 -13.72
C VAL B 111 -8.69 1.60 -14.77
N TYR B 112 -8.94 0.93 -15.90
CA TYR B 112 -8.02 0.96 -17.00
C TYR B 112 -7.77 2.39 -17.48
N LYS B 113 -8.82 3.20 -17.52
CA LYS B 113 -8.68 4.58 -17.99
C LYS B 113 -7.76 5.36 -17.05
N ASP B 114 -7.82 5.02 -15.77
CA ASP B 114 -6.99 5.66 -14.76
C ASP B 114 -5.50 5.55 -15.08
N GLN B 115 -5.15 4.60 -15.94
CA GLN B 115 -3.76 4.29 -16.23
C GLN B 115 -3.28 5.08 -17.45
N HIS B 116 -4.23 5.73 -18.11
CA HIS B 116 -3.94 6.68 -19.19
C HIS B 116 -4.58 8.02 -18.83
N PHE B 117 -4.21 8.56 -17.68
CA PHE B 117 -5.13 9.42 -16.93
C PHE B 117 -5.49 10.70 -17.67
N THR B 118 -6.75 11.11 -17.53
CA THR B 118 -7.29 12.28 -18.23
C THR B 118 -8.25 12.98 -17.26
N MET B 119 -7.98 14.24 -16.97
CA MET B 119 -8.89 15.04 -16.16
C MET B 119 -10.29 15.05 -16.78
N PHE B 120 -11.30 15.09 -15.93
CA PHE B 120 -12.67 15.22 -16.37
C PHE B 120 -12.99 16.68 -16.69
N GLU B 121 -13.70 16.89 -17.80
CA GLU B 121 -14.18 18.23 -18.17
C GLU B 121 -15.30 18.67 -17.25
N THR B 122 -16.22 17.74 -16.95
CA THR B 122 -17.47 18.08 -16.28
C THR B 122 -17.67 17.21 -15.04
N ASP B 123 -18.48 17.71 -14.10
CA ASP B 123 -18.87 16.92 -12.94
C ASP B 123 -19.58 15.64 -13.39
N ALA B 124 -20.31 15.74 -14.48
CA ALA B 124 -20.94 14.58 -15.12
C ALA B 124 -19.94 13.42 -15.30
N GLU B 125 -18.77 13.72 -15.85
CA GLU B 125 -17.77 12.69 -16.08
C GLU B 125 -17.15 12.18 -14.77
N LEU B 126 -17.03 13.06 -13.78
CA LEU B 126 -16.62 12.62 -12.45
C LEU B 126 -17.62 11.61 -11.89
N PHE B 127 -18.89 11.98 -11.90
CA PHE B 127 -19.93 11.12 -11.36
C PHE B 127 -20.02 9.80 -12.12
N GLY B 128 -19.76 9.84 -13.42
CA GLY B 128 -19.62 8.61 -14.21
C GLY B 128 -18.53 7.72 -13.63
N TYR B 129 -17.48 8.34 -13.12
CA TYR B 129 -16.32 7.60 -12.64
C TYR B 129 -16.60 6.99 -11.26
N CYS B 130 -17.27 7.76 -10.42
CA CYS B 130 -17.80 7.23 -9.18
C CYS B 130 -18.66 6.01 -9.43
N TYR B 131 -19.42 6.03 -10.51
CA TYR B 131 -20.22 4.87 -10.85
C TYR B 131 -19.32 3.70 -11.21
N GLY B 132 -18.39 3.93 -12.14
CA GLY B 132 -17.68 2.81 -12.75
C GLY B 132 -16.78 2.13 -11.74
N VAL B 133 -16.39 2.89 -10.72
CA VAL B 133 -15.34 2.47 -9.81
C VAL B 133 -15.91 2.02 -8.44
N ALA B 134 -17.09 2.47 -8.14
CA ALA B 134 -17.75 2.21 -6.89
C ALA B 134 -19.20 1.77 -6.97
N GLY B 135 -19.96 2.40 -7.83
CA GLY B 135 -21.34 2.08 -7.97
C GLY B 135 -21.48 0.67 -8.44
N THR B 136 -20.62 0.29 -9.36
CA THR B 136 -20.49 -1.09 -9.80
C THR B 136 -20.27 -2.05 -8.63
N VAL B 137 -19.41 -1.68 -7.69
CA VAL B 137 -19.20 -2.50 -6.50
C VAL B 137 -20.47 -2.64 -5.66
N GLY B 138 -21.16 -1.53 -5.41
CA GLY B 138 -22.49 -1.59 -4.81
C GLY B 138 -23.45 -2.52 -5.53
N GLU B 139 -23.40 -2.50 -6.86
CA GLU B 139 -24.24 -3.40 -7.64
C GLU B 139 -23.87 -4.87 -7.40
N VAL B 140 -22.58 -5.16 -7.46
CA VAL B 140 -22.09 -6.54 -7.25
C VAL B 140 -22.51 -7.02 -5.86
N LEU B 141 -22.48 -6.11 -4.89
CA LEU B 141 -22.70 -6.48 -3.49
C LEU B 141 -24.17 -6.68 -3.16
N THR B 142 -25.05 -6.21 -4.03
CA THR B 142 -26.47 -6.05 -3.70
C THR B 142 -27.14 -7.37 -3.32
N PRO B 143 -26.86 -8.44 -4.06
CA PRO B 143 -27.50 -9.71 -3.71
C PRO B 143 -27.01 -10.24 -2.35
N ILE B 144 -25.87 -9.74 -1.89
CA ILE B 144 -25.33 -10.16 -0.60
C ILE B 144 -25.98 -9.40 0.55
N LEU B 145 -26.22 -8.11 0.33
CA LEU B 145 -26.77 -7.25 1.36
C LEU B 145 -28.29 -7.23 1.31
N SER B 146 -28.88 -8.17 0.60
CA SER B 146 -30.33 -8.32 0.57
C SER B 146 -30.82 -9.61 0.02
N ASP B 147 -32.12 -9.82 0.10
CA ASP B 147 -32.79 -10.96 -0.50
C ASP B 147 -33.74 -10.52 -1.56
N HIS B 148 -34.16 -9.27 -1.46
CA HIS B 148 -35.13 -8.77 -2.38
C HIS B 148 -34.48 -8.50 -3.70
N GLU B 149 -33.28 -7.97 -3.65
CA GLU B 149 -32.68 -7.41 -4.82
C GLU B 149 -33.77 -6.94 -5.73
N THR B 150 -34.18 -5.69 -5.62
CA THR B 150 -35.07 -5.14 -6.62
C THR B 150 -34.34 -4.02 -7.32
N HIS B 151 -34.86 -3.52 -8.42
CA HIS B 151 -34.32 -2.29 -8.98
C HIS B 151 -33.97 -1.28 -7.89
N GLN B 152 -34.82 -1.19 -6.87
CA GLN B 152 -34.67 -0.16 -5.85
C GLN B 152 -33.43 -0.43 -5.02
N THR B 153 -33.24 -1.69 -4.63
CA THR B 153 -32.06 -2.10 -3.88
C THR B 153 -30.79 -1.78 -4.65
N TYR B 154 -30.79 -2.09 -5.94
CA TYR B 154 -29.64 -1.79 -6.79
C TYR B 154 -29.40 -0.29 -6.88
N ASP B 155 -30.49 0.47 -6.88
CA ASP B 155 -30.38 1.92 -6.98
C ASP B 155 -29.70 2.53 -5.76
N VAL B 156 -30.13 2.12 -4.57
CA VAL B 156 -29.52 2.61 -3.34
C VAL B 156 -28.08 2.11 -3.21
N ALA B 157 -27.86 0.83 -3.50
CA ALA B 157 -26.52 0.26 -3.44
C ALA B 157 -25.56 1.06 -4.32
N ARG B 158 -26.00 1.33 -5.54
CA ARG B 158 -25.22 2.16 -6.47
C ARG B 158 -24.87 3.53 -5.89
N ARG B 159 -25.87 4.21 -5.34
CA ARG B 159 -25.66 5.58 -4.82
C ARG B 159 -24.80 5.58 -3.56
N LEU B 160 -24.97 4.55 -2.74
CA LEU B 160 -24.08 4.34 -1.60
C LEU B 160 -22.62 4.26 -2.07
N GLY B 161 -22.37 3.39 -3.05
CA GLY B 161 -21.03 3.26 -3.62
C GLY B 161 -20.43 4.56 -4.12
N GLU B 162 -21.22 5.34 -4.86
CA GLU B 162 -20.73 6.58 -5.45
C GLU B 162 -20.52 7.66 -4.39
N SER B 163 -21.35 7.64 -3.37
CA SER B 163 -21.15 8.51 -2.23
C SER B 163 -19.85 8.16 -1.50
N LEU B 164 -19.61 6.88 -1.28
CA LEU B 164 -18.35 6.44 -0.68
C LEU B 164 -17.15 6.90 -1.50
N GLN B 165 -17.26 6.77 -2.81
CA GLN B 165 -16.14 7.08 -3.70
C GLN B 165 -15.84 8.57 -3.65
N LEU B 166 -16.89 9.37 -3.57
CA LEU B 166 -16.71 10.81 -3.54
C LEU B 166 -15.94 11.22 -2.29
N ILE B 167 -16.36 10.66 -1.15
CA ILE B 167 -15.64 10.85 0.10
C ILE B 167 -14.21 10.34 -0.04
N ASN B 168 -14.06 9.15 -0.61
CA ASN B 168 -12.74 8.63 -0.96
C ASN B 168 -11.91 9.67 -1.68
N ILE B 169 -12.50 10.26 -2.73
CA ILE B 169 -11.79 11.24 -3.55
C ILE B 169 -11.46 12.49 -2.74
N LEU B 170 -12.29 12.80 -1.77
CA LEU B 170 -12.15 14.04 -1.01
C LEU B 170 -11.10 13.92 0.10
N ARG B 171 -10.72 12.67 0.42
CA ARG B 171 -9.66 12.41 1.39
C ARG B 171 -8.31 12.33 0.68
N ASP B 172 -8.33 11.97 -0.59
CA ASP B 172 -7.10 11.59 -1.30
C ASP B 172 -6.61 12.61 -2.32
N VAL B 173 -7.20 13.80 -2.32
CA VAL B 173 -6.73 14.87 -3.20
C VAL B 173 -5.21 14.95 -3.25
N GLY B 174 -4.61 15.31 -2.12
CA GLY B 174 -3.16 15.45 -2.01
C GLY B 174 -2.40 14.24 -2.52
N GLU B 175 -2.71 13.07 -1.97
CA GLU B 175 -2.12 11.81 -2.42
C GLU B 175 -2.33 11.56 -3.91
N ASP B 176 -3.57 11.76 -4.37
CA ASP B 176 -3.87 11.64 -5.80
C ASP B 176 -3.00 12.59 -6.63
N PHE B 177 -2.84 13.83 -6.18
CA PHE B 177 -2.01 14.76 -6.94
C PHE B 177 -0.55 14.31 -6.99
N GLU B 178 -0.07 13.83 -5.87
CA GLU B 178 1.24 13.25 -5.81
C GLU B 178 1.38 12.16 -6.84
N ASN B 179 0.26 11.58 -7.24
CA ASN B 179 0.29 10.49 -8.17
C ASN B 179 -0.04 10.94 -9.57
N GLU B 180 -0.21 12.24 -9.73
CA GLU B 180 -0.55 12.85 -11.02
C GLU B 180 -1.98 12.78 -11.47
N ARG B 181 -2.87 12.71 -10.52
CA ARG B 181 -4.26 12.77 -10.85
C ARG B 181 -5.01 13.78 -10.05
N ILE B 182 -5.91 14.49 -10.72
CA ILE B 182 -6.95 15.26 -10.07
C ILE B 182 -8.29 14.76 -10.59
N TYR B 183 -9.28 14.67 -9.71
CA TYR B 183 -10.54 14.04 -10.02
C TYR B 183 -11.69 15.05 -9.96
N PHE B 184 -11.46 16.15 -9.25
CA PHE B 184 -12.17 17.40 -9.47
C PHE B 184 -12.21 17.74 -10.97
N SER B 185 -13.39 18.10 -11.47
CA SER B 185 -13.53 18.45 -12.87
C SER B 185 -12.86 19.79 -13.20
N LYS B 186 -12.24 19.86 -14.37
CA LYS B 186 -11.79 21.13 -14.92
C LYS B 186 -12.85 22.23 -14.76
N GLN B 187 -14.04 21.97 -15.31
CA GLN B 187 -15.14 22.91 -15.14
C GLN B 187 -15.15 23.55 -13.76
N ARG B 188 -15.12 22.71 -12.72
CA ARG B 188 -15.36 23.18 -11.36
C ARG B 188 -14.11 23.82 -10.75
N LEU B 189 -12.95 23.32 -11.14
CA LEU B 189 -11.69 23.96 -10.81
C LEU B 189 -11.62 25.37 -11.42
N LYS B 190 -11.99 25.44 -12.70
CA LYS B 190 -12.12 26.73 -13.39
C LYS B 190 -12.96 27.69 -12.55
N GLN B 191 -14.12 27.22 -12.16
CA GLN B 191 -15.08 28.08 -11.56
C GLN B 191 -14.72 28.64 -10.18
N TYR B 192 -14.13 27.84 -9.33
CA TYR B 192 -13.75 28.29 -8.01
C TYR B 192 -12.32 28.79 -8.05
N GLU B 193 -11.72 28.79 -9.22
CA GLU B 193 -10.36 29.29 -9.32
C GLU B 193 -9.31 28.60 -8.49
N VAL B 194 -9.06 27.34 -8.79
CA VAL B 194 -8.12 26.53 -8.05
C VAL B 194 -7.10 25.84 -8.90
N ASP B 195 -5.84 25.82 -8.48
CA ASP B 195 -4.80 25.06 -9.14
C ASP B 195 -4.23 24.10 -8.14
N ILE B 196 -4.59 22.85 -8.29
CA ILE B 196 -4.25 21.88 -7.26
C ILE B 196 -2.74 21.89 -7.05
N ALA B 197 -2.01 22.07 -8.15
CA ALA B 197 -0.55 22.10 -8.12
C ALA B 197 -0.02 23.29 -7.33
N GLU B 198 -0.79 24.38 -7.31
CA GLU B 198 -0.50 25.52 -6.45
C GLU B 198 -0.87 25.23 -5.00
N VAL B 199 -2.15 24.97 -4.77
CA VAL B 199 -2.64 24.76 -3.41
C VAL B 199 -1.81 23.69 -2.70
N TYR B 200 -1.42 22.66 -3.45
CA TYR B 200 -0.49 21.67 -2.91
C TYR B 200 0.74 22.39 -2.38
N GLN B 201 1.17 23.40 -3.12
CA GLN B 201 2.52 23.95 -2.97
C GLN B 201 2.51 25.04 -1.90
N ASN B 202 1.38 25.71 -1.75
CA ASN B 202 1.28 26.88 -0.89
C ASN B 202 0.20 26.77 0.18
N GLY B 203 -0.65 25.76 0.12
CA GLY B 203 -1.63 25.65 1.18
C GLY B 203 -3.05 26.03 0.91
N VAL B 204 -3.92 25.56 1.79
CA VAL B 204 -5.33 25.60 1.55
C VAL B 204 -5.92 26.97 1.66
N ASN B 205 -6.07 27.64 0.54
CA ASN B 205 -6.77 28.90 0.53
C ASN B 205 -8.26 28.72 0.62
N ASN B 206 -8.98 29.83 0.57
CA ASN B 206 -10.44 29.80 0.75
C ASN B 206 -11.17 29.28 -0.48
N HIS B 207 -10.51 29.40 -1.62
CA HIS B 207 -11.08 28.93 -2.89
C HIS B 207 -11.10 27.40 -2.91
N TYR B 208 -9.99 26.78 -2.56
CA TYR B 208 -9.93 25.33 -2.44
C TYR B 208 -11.02 24.81 -1.51
N ILE B 209 -11.10 25.39 -0.31
CA ILE B 209 -12.09 24.96 0.67
C ILE B 209 -13.51 25.02 0.13
N ASP B 210 -13.78 26.03 -0.70
CA ASP B 210 -15.11 26.18 -1.29
C ASP B 210 -15.42 25.07 -2.28
N LEU B 211 -14.49 24.84 -3.20
CA LEU B 211 -14.59 23.71 -4.13
C LEU B 211 -14.79 22.42 -3.33
N TRP B 212 -13.83 22.13 -2.46
CA TRP B 212 -13.91 20.99 -1.56
C TRP B 212 -15.28 20.86 -0.90
N GLU B 213 -15.75 21.93 -0.28
CA GLU B 213 -17.00 21.86 0.46
C GLU B 213 -18.20 21.68 -0.47
N TYR B 214 -18.07 22.16 -1.70
CA TYR B 214 -19.13 21.97 -2.69
C TYR B 214 -19.34 20.48 -2.97
N TYR B 215 -18.26 19.80 -3.35
CA TYR B 215 -18.29 18.35 -3.54
C TYR B 215 -18.68 17.63 -2.24
N ALA B 216 -18.04 18.04 -1.14
CA ALA B 216 -18.31 17.43 0.15
C ALA B 216 -19.79 17.47 0.47
N ALA B 217 -20.44 18.57 0.11
CA ALA B 217 -21.85 18.77 0.43
C ALA B 217 -22.73 17.88 -0.43
N ILE B 218 -22.29 17.62 -1.66
CA ILE B 218 -22.98 16.65 -2.51
C ILE B 218 -22.86 15.23 -1.96
N ALA B 219 -21.68 14.86 -1.49
CA ALA B 219 -21.50 13.57 -0.84
C ALA B 219 -22.45 13.38 0.33
N GLU B 220 -22.54 14.39 1.18
CA GLU B 220 -23.32 14.31 2.41
C GLU B 220 -24.81 14.27 2.11
N LYS B 221 -25.25 15.13 1.20
CA LYS B 221 -26.62 15.06 0.70
C LYS B 221 -26.94 13.65 0.23
N ASP B 222 -26.00 13.06 -0.46
CA ASP B 222 -26.23 11.80 -1.12
C ASP B 222 -26.36 10.68 -0.11
N PHE B 223 -25.51 10.68 0.91
CA PHE B 223 -25.58 9.69 1.97
C PHE B 223 -26.92 9.74 2.68
N ARG B 224 -27.36 10.93 2.97
CA ARG B 224 -28.70 11.12 3.50
C ARG B 224 -29.76 10.35 2.76
N ASP B 225 -29.88 10.55 1.46
CA ASP B 225 -30.90 9.83 0.68
C ASP B 225 -30.73 8.32 0.80
N VAL B 226 -29.50 7.88 1.03
CA VAL B 226 -29.22 6.47 1.24
C VAL B 226 -29.75 6.00 2.59
N MET B 227 -29.30 6.64 3.67
CA MET B 227 -29.89 6.38 4.97
C MET B 227 -31.40 6.42 4.86
N ASP B 228 -31.92 7.53 4.33
CA ASP B 228 -33.36 7.68 4.12
C ASP B 228 -33.99 6.43 3.50
N GLN B 229 -33.23 5.73 2.68
CA GLN B 229 -33.74 4.54 1.99
C GLN B 229 -33.07 3.26 2.50
N ILE B 230 -32.51 3.34 3.70
CA ILE B 230 -31.70 2.25 4.25
C ILE B 230 -32.46 0.94 4.35
N LYS B 231 -33.79 1.00 4.25
CA LYS B 231 -34.63 -0.15 4.55
C LYS B 231 -34.69 -1.17 3.42
N VAL B 232 -33.97 -0.90 2.34
CA VAL B 232 -33.97 -1.79 1.17
C VAL B 232 -33.04 -2.99 1.34
N PHE B 233 -32.01 -2.82 2.17
CA PHE B 233 -31.09 -3.91 2.47
C PHE B 233 -31.68 -4.84 3.54
N SER B 234 -31.08 -6.01 3.69
CA SER B 234 -31.54 -7.00 4.65
C SER B 234 -31.30 -6.52 6.09
N ILE B 235 -32.06 -7.10 7.03
CA ILE B 235 -32.10 -6.63 8.41
C ILE B 235 -30.72 -6.66 9.09
N GLU B 236 -29.99 -7.75 8.87
CA GLU B 236 -28.60 -7.84 9.29
C GLU B 236 -27.75 -6.68 8.77
N ALA B 237 -27.99 -6.30 7.52
CA ALA B 237 -27.09 -5.37 6.83
C ALA B 237 -27.33 -3.93 7.25
N GLN B 238 -28.60 -3.58 7.49
CA GLN B 238 -28.99 -2.22 7.81
C GLN B 238 -27.94 -1.53 8.68
N PRO B 239 -27.77 -2.00 9.93
CA PRO B 239 -26.93 -1.26 10.88
C PRO B 239 -25.49 -1.23 10.42
N ILE B 240 -25.07 -2.31 9.75
CA ILE B 240 -23.69 -2.43 9.31
C ILE B 240 -23.42 -1.49 8.14
N ILE B 241 -24.42 -1.36 7.27
CA ILE B 241 -24.36 -0.38 6.20
C ILE B 241 -24.41 1.03 6.75
N GLU B 242 -25.26 1.24 7.75
CA GLU B 242 -25.31 2.52 8.44
C GLU B 242 -23.93 2.87 9.01
N LEU B 243 -23.33 1.91 9.69
CA LEU B 243 -22.03 2.13 10.33
C LEU B 243 -20.95 2.46 9.31
N ALA B 244 -20.94 1.73 8.19
CA ALA B 244 -20.01 2.01 7.11
C ALA B 244 -20.12 3.46 6.61
N ALA B 245 -21.34 3.88 6.30
CA ALA B 245 -21.57 5.23 5.86
C ALA B 245 -21.10 6.22 6.91
N ARG B 246 -21.56 6.04 8.14
CA ARG B 246 -21.34 7.00 9.21
C ARG B 246 -19.84 7.15 9.48
N ILE B 247 -19.12 6.04 9.42
CA ILE B 247 -17.67 6.08 9.42
C ILE B 247 -17.16 6.96 8.29
N TYR B 248 -17.43 6.55 7.07
CA TYR B 248 -16.83 7.18 5.89
C TYR B 248 -17.13 8.67 5.83
N ILE B 249 -18.36 9.05 6.22
CA ILE B 249 -18.67 10.45 6.47
C ILE B 249 -17.64 11.10 7.38
N GLU B 250 -17.53 10.57 8.59
CA GLU B 250 -16.64 11.11 9.61
C GLU B 250 -15.30 11.48 9.00
N ILE B 251 -14.89 10.74 7.96
CA ILE B 251 -13.69 11.09 7.21
C ILE B 251 -13.73 12.53 6.74
N LEU B 252 -14.93 13.02 6.46
CA LEU B 252 -15.07 14.39 5.96
C LEU B 252 -14.75 15.41 7.06
N ASP B 253 -15.30 15.20 8.26
CA ASP B 253 -14.99 16.03 9.41
C ASP B 253 -13.53 15.90 9.83
N GLU B 254 -12.98 14.70 9.68
CA GLU B 254 -11.54 14.49 9.84
C GLU B 254 -10.73 15.40 8.92
N VAL B 255 -11.09 15.42 7.64
CA VAL B 255 -10.44 16.29 6.67
C VAL B 255 -10.55 17.76 7.08
N ARG B 256 -11.74 18.17 7.49
CA ARG B 256 -11.96 19.52 7.97
C ARG B 256 -11.00 19.85 9.11
N GLN B 257 -10.94 18.93 10.07
CA GLN B 257 -10.23 19.16 11.32
C GLN B 257 -8.72 19.15 11.11
N ALA B 258 -8.27 18.46 10.07
CA ALA B 258 -6.87 18.52 9.65
C ALA B 258 -6.69 19.62 8.60
N ASN B 259 -7.65 20.53 8.54
CA ASN B 259 -7.64 21.62 7.58
C ASN B 259 -7.28 21.21 6.16
N TYR B 260 -8.05 20.26 5.63
CA TYR B 260 -8.04 19.96 4.20
C TYR B 260 -6.63 19.71 3.71
N THR B 261 -5.75 19.30 4.62
CA THR B 261 -4.35 19.07 4.27
C THR B 261 -4.27 18.23 3.00
N LEU B 262 -3.48 18.71 2.05
CA LEU B 262 -3.10 17.93 0.89
C LEU B 262 -1.91 17.02 1.22
N HIS B 263 -1.65 16.91 2.51
CA HIS B 263 -0.41 16.30 2.92
C HIS B 263 -0.50 15.17 3.94
N GLU B 264 -1.62 14.48 3.97
CA GLU B 264 -1.76 13.33 4.85
C GLU B 264 -3.10 12.60 4.70
N ARG B 265 -3.02 11.29 4.56
CA ARG B 265 -4.22 10.51 4.44
C ARG B 265 -4.86 10.38 5.77
N VAL B 266 -5.72 11.30 6.09
CA VAL B 266 -6.44 11.23 7.35
C VAL B 266 -7.29 9.96 7.43
N PHE B 267 -7.54 9.50 8.65
CA PHE B 267 -8.44 8.36 8.86
C PHE B 267 -9.16 8.49 10.19
N VAL B 268 -10.07 7.56 10.44
CA VAL B 268 -10.77 7.48 11.70
C VAL B 268 -10.20 6.32 12.51
N GLU B 269 -9.76 6.60 13.74
CA GLU B 269 -9.14 5.56 14.58
C GLU B 269 -10.12 4.43 14.88
N LYS B 270 -9.59 3.21 14.91
CA LYS B 270 -10.35 2.05 15.39
C LYS B 270 -11.24 2.41 16.58
N ARG B 271 -10.68 3.15 17.54
CA ARG B 271 -11.39 3.54 18.74
C ARG B 271 -12.62 4.40 18.43
N LYS B 272 -12.47 5.30 17.47
CA LYS B 272 -13.59 6.13 17.02
C LYS B 272 -14.63 5.30 16.27
N LYS B 273 -14.19 4.38 15.43
CA LYS B 273 -15.12 3.51 14.73
C LYS B 273 -16.05 2.83 15.74
N ALA B 274 -15.45 2.19 16.75
CA ALA B 274 -16.22 1.57 17.83
C ALA B 274 -17.15 2.56 18.51
N LYS B 275 -16.66 3.77 18.76
CA LYS B 275 -17.50 4.82 19.33
C LYS B 275 -18.79 5.00 18.54
N LEU B 276 -18.66 5.07 17.21
CA LEU B 276 -19.80 5.28 16.34
C LEU B 276 -20.65 4.02 16.21
N PHE B 277 -20.00 2.87 16.30
CA PHE B 277 -20.70 1.61 16.44
C PHE B 277 -21.71 1.64 17.59
N HIS B 278 -21.23 1.95 18.80
CA HIS B 278 -22.10 2.08 19.96
C HIS B 278 -23.27 3.02 19.68
N GLU B 279 -22.96 4.23 19.23
CA GLU B 279 -23.98 5.25 18.96
C GLU B 279 -25.13 4.68 18.13
N ILE B 280 -24.79 4.17 16.95
CA ILE B 280 -25.77 3.63 16.03
C ILE B 280 -26.54 2.46 16.64
N ASN B 281 -25.82 1.63 17.42
CA ASN B 281 -26.39 0.40 17.95
C ASN B 281 -27.45 0.61 19.04
N SER B 282 -27.19 1.55 19.94
CA SER B 282 -28.19 1.91 20.96
C SER B 282 -29.46 2.44 20.33
N LYS B 283 -29.33 3.25 19.28
CA LYS B 283 -30.46 3.71 18.48
C LYS B 283 -31.19 2.55 17.78
N TYR B 284 -30.50 1.43 17.62
CA TYR B 284 -31.14 0.17 17.25
C TYR B 284 -31.50 -0.63 18.50
MG MG C . 7.75 -6.88 1.05
MG MG D . 8.17 -5.65 6.03
MG MG E . 10.26 -8.79 1.43
P1 POP F . 8.31 -4.25 2.92
O1 POP F . 7.52 -4.52 4.19
O2 POP F . 7.66 -5.01 1.77
O3 POP F . 8.36 -2.77 2.68
O POP F . 9.80 -4.78 3.08
P2 POP F . 10.09 -6.34 3.30
O4 POP F . 11.58 -6.51 3.39
O5 POP F . 9.61 -7.20 2.17
O6 POP F . 9.38 -6.73 4.58
O1 TLA G . 4.60 4.05 4.31
O11 TLA G . 5.82 4.16 2.57
C1 TLA G . 5.72 4.10 3.79
C2 TLA G . 6.94 4.08 4.69
O2 TLA G . 7.32 5.34 5.17
C3 TLA G . 8.13 3.53 3.99
O3 TLA G . 9.29 4.18 4.47
C4 TLA G . 8.07 2.07 4.21
O4 TLA G . 6.96 1.72 4.52
O41 TLA G . 9.05 1.31 4.05
OAA 651 H . 14.66 -3.79 -0.02
CAB 651 H . 20.35 2.35 2.92
CAC 651 H . 19.15 2.96 2.68
CAD 651 H . 20.45 0.99 2.84
CAE 651 H . 18.04 2.22 2.39
CAF 651 H . 19.34 0.25 2.53
CAG 651 H . 16.10 0.32 1.10
CAH 651 H . 17.08 -1.27 2.51
CAI 651 H . 15.11 -0.56 0.74
CAJ 651 H . 16.11 -2.15 2.16
CAK 651 H . 12.17 -1.99 1.36
CAL 651 H . 12.43 -3.54 -0.49
CAM 651 H . 11.62 -3.35 1.86
CAN 651 H . 12.62 -4.78 0.35
CAO 651 H . 13.77 -3.71 2.08
CAP 651 H . 18.12 0.85 2.34
CAQ 651 H . 17.08 -0.01 2.00
CAR 651 H . 15.13 -1.81 1.29
CAS 651 H . 13.00 -2.31 0.24
NAT 651 H . 12.59 -4.41 1.74
CAU 651 H . 14.14 -2.86 0.91
MG MG I . -8.85 7.14 -3.31
MG MG J . -8.39 3.56 -8.29
MG MG K . -6.69 2.89 -5.75
P1 POP L . -9.52 4.51 -5.43
O1 POP L . -10.90 4.33 -6.02
O2 POP L . -8.47 3.99 -6.36
O3 POP L . -9.25 5.97 -5.11
O POP L . -9.48 3.74 -4.03
P2 POP L . -8.16 3.72 -3.10
O4 POP L . -8.54 2.87 -1.92
O5 POP L . -7.77 5.11 -2.62
O6 POP L . -7.03 3.15 -3.90
OAA 651 M . -13.58 -0.04 -5.57
CAB 651 M . -21.13 -0.48 -0.86
CAC 651 M . -20.86 -0.16 -2.16
CAD 651 M . -20.07 -0.64 0.01
CAE 651 M . -19.57 0.02 -2.56
CAF 651 M . -18.77 -0.45 -0.41
CAG 651 M . -17.10 0.97 -3.23
CAH 651 M . -16.21 -0.77 -1.90
CAI 651 M . -15.88 1.10 -3.83
CAJ 651 M . -14.97 -0.64 -2.49
CAK 651 M . -11.89 0.66 -2.59
CAL 651 M . -11.32 -0.36 -4.63
CAM 651 M . -11.13 1.73 -3.39
CAN 651 M . -11.37 0.87 -5.49
CAO 651 M . -13.16 1.92 -4.40
CAP 651 M . -18.50 -0.09 -1.70
CAQ 651 M . -17.26 0.05 -2.24
CAR 651 M . -14.82 0.31 -3.49
CAS 651 M . -12.40 -0.25 -3.59
NAT 651 M . -11.77 1.98 -4.66
CAU 651 M . -13.50 0.48 -4.25
#